data_2GGO
#
_entry.id   2GGO
#
_cell.length_a   122.999
_cell.length_b   122.999
_cell.length_c   94.884
_cell.angle_alpha   90.00
_cell.angle_beta   90.00
_cell.angle_gamma   120.00
#
_symmetry.space_group_name_H-M   'H 3'
#
loop_
_entity.id
_entity.type
_entity.pdbx_description
1 polymer '401aa long hypothetical glucose-1-phosphate thymidylyltransferase'
2 water water
#
_entity_poly.entity_id   1
_entity_poly.type   'polypeptide(L)'
_entity_poly.pdbx_seq_one_letter_code
;MKAFILAAGSGERLEPITHTRPKAFVPILSKPLIEYQIEYLRKCGIRDITVIVSSKNKEYFEKKLKEISIVTQKDDIKGT
GAAILSAKFNDEALIIYGDLFFSNEKEICNIITLKENAIIGVKVSNPKDYGVLVLDNQNNLSKIIEKPEIPPSNLINAGI
YKLNSDIFTYLDKISISERGELELTDAINLMAKDHRVKVIEYEGYWMDIGKPWNIIDVNKWALDNLVFSQNLGNVEDNVK
IKGKVIIEEDAEIKSGTYIEGPVYIGKGSEIGPNSYLRPYTILVEKNKIGASVEVKESVIMEGSKIPHLSYVGDSVIAED
VNFGAGTLIANLRFDEKEVKVNVKGKRISSGRRKLGAFIGGHVRTGINVTILPGVKIGAYARIYPGAVVNRDVGYGEFFK
V
;
_entity_poly.pdbx_strand_id   A
#
# COMPACT_ATOMS: atom_id res chain seq x y z
N MET A 1 19.09 16.92 -8.88
CA MET A 1 18.10 16.95 -7.77
C MET A 1 18.36 15.72 -6.90
N LYS A 2 18.16 15.87 -5.59
CA LYS A 2 18.16 14.70 -4.70
C LYS A 2 16.72 14.41 -4.32
N ALA A 3 16.43 13.11 -4.14
CA ALA A 3 15.10 12.68 -3.70
C ALA A 3 15.26 11.96 -2.36
N PHE A 4 14.30 12.18 -1.46
CA PHE A 4 14.23 11.46 -0.19
C PHE A 4 12.89 10.84 -0.10
N ILE A 5 12.86 9.51 0.05
CA ILE A 5 11.62 8.76 0.31
C ILE A 5 11.51 8.48 1.80
N LEU A 6 10.45 8.98 2.43
CA LEU A 6 10.27 8.80 3.85
C LEU A 6 9.44 7.52 4.05
N ALA A 7 10.16 6.48 4.48
CA ALA A 7 9.65 5.11 4.64
C ALA A 7 9.94 4.57 6.05
N ALA A 8 9.74 5.42 7.05
CA ALA A 8 10.21 5.10 8.43
C ALA A 8 9.18 4.70 9.49
N GLY A 9 7.88 4.93 9.26
CA GLY A 9 6.79 4.18 10.01
C GLY A 9 7.11 2.68 10.21
N SER A 10 6.41 1.95 11.11
CA SER A 10 4.96 2.03 11.39
C SER A 10 4.10 2.37 10.14
N GLY A 11 3.68 1.32 9.42
CA GLY A 11 3.82 -0.03 9.86
C GLY A 11 2.42 -0.41 10.32
N GLU A 12 2.06 0.12 11.48
CA GLU A 12 0.95 -0.35 12.27
C GLU A 12 -0.41 -0.42 11.60
N ARG A 13 -0.76 0.64 10.89
CA ARG A 13 -2.03 0.66 10.22
C ARG A 13 -2.15 -0.39 9.15
N LEU A 14 -1.01 -0.89 8.68
CA LEU A 14 -1.05 -1.89 7.58
C LEU A 14 -0.82 -3.34 8.05
N GLU A 15 -0.76 -3.55 9.36
CA GLU A 15 -0.78 -4.91 9.88
C GLU A 15 -2.01 -5.70 9.39
N PRO A 16 -1.87 -7.02 9.24
CA PRO A 16 -0.73 -7.85 9.45
C PRO A 16 0.25 -7.90 8.30
N ILE A 17 -0.02 -7.22 7.19
CA ILE A 17 0.91 -7.29 6.06
C ILE A 17 2.31 -6.83 6.50
N THR A 18 2.36 -5.85 7.42
CA THR A 18 3.65 -5.27 7.87
C THR A 18 4.35 -6.04 9.00
N HIS A 19 3.80 -7.19 9.38
CA HIS A 19 4.49 -8.00 10.32
C HIS A 19 5.76 -8.59 9.74
N THR A 20 5.81 -8.75 8.41
CA THR A 20 6.96 -9.39 7.82
C THR A 20 7.68 -8.55 6.75
N ARG A 21 7.15 -7.41 6.37
CA ARG A 21 7.78 -6.57 5.32
C ARG A 21 7.45 -5.10 5.65
N PRO A 22 8.35 -4.13 5.32
CA PRO A 22 8.03 -2.70 5.54
C PRO A 22 6.98 -2.27 4.56
N LYS A 23 6.11 -1.32 4.89
CA LYS A 23 5.08 -0.99 3.89
C LYS A 23 5.56 -0.63 2.50
N ALA A 24 6.81 -0.17 2.39
CA ALA A 24 7.38 0.26 1.11
C ALA A 24 7.41 -0.91 0.16
N PHE A 25 7.37 -2.11 0.73
CA PHE A 25 7.45 -3.34 -0.09
C PHE A 25 6.10 -4.06 -0.37
N VAL A 26 5.00 -3.46 0.03
CA VAL A 26 3.66 -3.93 -0.34
C VAL A 26 3.63 -4.04 -1.86
N PRO A 27 3.21 -5.23 -2.42
CA PRO A 27 3.16 -5.34 -3.86
C PRO A 27 1.92 -4.71 -4.50
N ILE A 28 2.15 -4.14 -5.67
CA ILE A 28 1.11 -3.69 -6.53
C ILE A 28 1.41 -4.50 -7.76
N LEU A 29 0.48 -5.40 -8.10
CA LEU A 29 0.74 -6.44 -9.08
C LEU A 29 2.07 -7.07 -8.71
N SER A 30 2.99 -7.19 -9.64
CA SER A 30 4.20 -7.92 -9.34
C SER A 30 5.32 -7.16 -8.63
N LYS A 31 5.21 -5.86 -8.35
CA LYS A 31 6.39 -5.19 -7.76
C LYS A 31 6.05 -4.32 -6.59
N PRO A 32 7.01 -4.17 -5.66
CA PRO A 32 6.71 -3.40 -4.46
C PRO A 32 6.43 -1.91 -4.77
N LEU A 33 5.62 -1.30 -3.93
CA LEU A 33 5.36 0.12 -3.98
C LEU A 33 6.64 0.95 -4.23
N ILE A 34 7.70 0.71 -3.46
CA ILE A 34 8.85 1.59 -3.49
C ILE A 34 9.56 1.55 -4.85
N GLU A 35 9.37 0.45 -5.55
CA GLU A 35 9.92 0.26 -6.87
C GLU A 35 9.27 1.14 -7.93
N TYR A 36 7.95 1.36 -7.79
CA TYR A 36 7.23 2.40 -8.54
C TYR A 36 7.72 3.82 -8.18
N GLN A 37 7.89 4.15 -6.92
CA GLN A 37 8.36 5.48 -6.60
C GLN A 37 9.71 5.73 -7.24
N ILE A 38 10.65 4.84 -7.02
CA ILE A 38 12.02 4.95 -7.54
C ILE A 38 12.03 5.10 -9.05
N GLU A 39 11.14 4.38 -9.71
CA GLU A 39 11.07 4.36 -11.14
C GLU A 39 10.44 5.65 -11.72
N TYR A 40 9.39 6.17 -11.08
CA TYR A 40 8.91 7.56 -11.34
C TYR A 40 10.00 8.63 -11.15
N LEU A 41 10.68 8.64 -10.01
CA LEU A 41 11.87 9.46 -9.78
C LEU A 41 12.83 9.40 -10.95
N ARG A 42 13.31 8.21 -11.31
CA ARG A 42 14.28 8.07 -12.38
C ARG A 42 13.73 8.46 -13.72
N LYS A 43 12.43 8.30 -13.94
CA LYS A 43 11.86 8.84 -15.18
C LYS A 43 11.94 10.36 -15.22
N CYS A 44 12.02 10.99 -14.05
CA CYS A 44 12.13 12.47 -13.98
C CYS A 44 13.58 12.95 -14.05
N GLY A 45 14.54 12.03 -14.15
CA GLY A 45 15.94 12.36 -14.09
C GLY A 45 16.54 12.47 -12.70
N ILE A 46 15.87 11.86 -11.71
CA ILE A 46 16.40 11.89 -10.35
C ILE A 46 16.99 10.53 -10.08
N ARG A 47 18.26 10.54 -9.69
CA ARG A 47 19.03 9.27 -9.54
C ARG A 47 19.60 9.12 -8.16
N ASP A 48 19.82 10.28 -7.54
CA ASP A 48 20.33 10.30 -6.20
C ASP A 48 19.19 10.18 -5.22
N ILE A 49 18.82 8.93 -4.95
CA ILE A 49 17.63 8.64 -4.15
C ILE A 49 18.07 8.06 -2.83
N THR A 50 17.50 8.58 -1.76
CA THR A 50 17.77 8.13 -0.42
C THR A 50 16.45 7.72 0.26
N VAL A 51 16.45 6.55 0.89
CA VAL A 51 15.32 6.18 1.76
C VAL A 51 15.63 6.38 3.25
N ILE A 52 14.82 7.17 3.93
CA ILE A 52 14.91 7.20 5.39
C ILE A 52 14.01 6.09 5.95
N VAL A 53 14.62 5.22 6.73
CA VAL A 53 13.98 4.02 7.23
C VAL A 53 14.17 3.94 8.75
N SER A 54 13.56 2.96 9.39
CA SER A 54 13.84 2.71 10.79
C SER A 54 15.00 1.73 10.87
N SER A 55 15.72 1.76 11.99
CA SER A 55 16.89 0.84 12.22
C SER A 55 16.50 -0.62 12.12
N LYS A 56 15.36 -0.96 12.74
CA LYS A 56 14.70 -2.27 12.55
C LYS A 56 14.71 -2.69 11.09
N ASN A 57 14.38 -1.74 10.19
CA ASN A 57 14.15 -2.06 8.76
C ASN A 57 15.35 -1.83 7.83
N LYS A 58 16.42 -1.28 8.38
CA LYS A 58 17.66 -0.97 7.63
C LYS A 58 18.21 -2.12 6.77
N GLU A 59 18.20 -3.32 7.33
CA GLU A 59 18.82 -4.49 6.71
C GLU A 59 18.03 -4.96 5.49
N TYR A 60 16.71 -4.98 5.67
CA TYR A 60 15.74 -5.37 4.65
C TYR A 60 15.87 -4.54 3.36
N PHE A 61 15.88 -3.21 3.53
CA PHE A 61 16.02 -2.26 2.42
C PHE A 61 17.33 -2.45 1.68
N GLU A 62 18.42 -2.48 2.44
CA GLU A 62 19.73 -2.71 1.86
C GLU A 62 19.74 -3.97 1.02
N LYS A 63 19.13 -5.04 1.53
CA LYS A 63 19.14 -6.32 0.83
C LYS A 63 18.37 -6.31 -0.47
N LYS A 64 17.24 -5.58 -0.50
CA LYS A 64 16.32 -5.54 -1.65
C LYS A 64 16.62 -4.45 -2.71
N LEU A 65 17.09 -3.28 -2.29
CA LEU A 65 17.20 -2.15 -3.21
C LEU A 65 18.61 -1.97 -3.75
N LYS A 66 18.81 -2.24 -5.04
CA LYS A 66 20.16 -2.26 -5.63
C LYS A 66 21.01 -0.96 -5.47
N GLU A 67 20.66 0.11 -6.16
CA GLU A 67 21.57 1.27 -6.13
C GLU A 67 20.96 2.48 -5.48
N ILE A 68 20.53 2.34 -4.23
CA ILE A 68 19.77 3.37 -3.52
C ILE A 68 20.40 3.52 -2.16
N SER A 69 20.42 4.75 -1.66
CA SER A 69 21.03 5.03 -0.36
C SER A 69 20.04 4.89 0.76
N ILE A 70 20.41 4.12 1.78
CA ILE A 70 19.51 3.90 2.88
C ILE A 70 20.03 4.59 4.11
N VAL A 71 19.17 5.33 4.77
CA VAL A 71 19.60 6.11 5.91
C VAL A 71 18.58 5.90 6.99
N THR A 72 19.03 5.41 8.13
CA THR A 72 18.14 5.15 9.26
C THR A 72 17.78 6.45 9.98
N GLN A 73 16.58 6.48 10.52
CA GLN A 73 16.05 7.66 11.13
C GLN A 73 16.53 7.78 12.57
N LYS A 74 16.61 9.03 13.04
CA LYS A 74 16.81 9.39 14.44
C LYS A 74 15.88 8.60 15.37
N ASP A 75 16.49 7.84 16.28
CA ASP A 75 15.73 6.97 17.16
C ASP A 75 15.15 7.68 18.38
N ASP A 76 15.89 8.66 18.89
CA ASP A 76 15.39 9.48 20.00
C ASP A 76 14.09 10.26 19.66
N ILE A 77 13.63 10.16 18.41
CA ILE A 77 12.44 10.90 17.89
C ILE A 77 11.59 10.13 16.84
N LYS A 78 10.35 10.59 16.63
CA LYS A 78 9.45 10.05 15.57
C LYS A 78 8.62 11.14 14.85
N GLY A 79 8.29 10.90 13.58
CA GLY A 79 7.54 11.85 12.74
C GLY A 79 7.87 11.83 11.25
N THR A 80 7.33 12.80 10.52
CA THR A 80 7.70 13.03 9.13
C THR A 80 8.92 13.95 9.10
N GLY A 81 8.95 14.90 10.03
CA GLY A 81 10.03 15.87 10.14
C GLY A 81 11.23 15.40 10.93
N ALA A 82 11.03 14.42 11.81
CA ALA A 82 12.15 13.76 12.53
C ALA A 82 12.92 12.84 11.59
N ALA A 83 12.25 12.48 10.48
CA ALA A 83 12.81 11.67 9.40
C ALA A 83 13.88 12.44 8.67
N ILE A 84 13.56 13.69 8.34
CA ILE A 84 14.50 14.60 7.68
C ILE A 84 15.35 15.45 8.66
N LEU A 85 15.28 15.10 9.95
CA LEU A 85 16.35 15.40 10.89
C LEU A 85 17.50 14.46 10.55
N SER A 86 17.25 13.56 9.60
CA SER A 86 18.28 12.71 9.00
C SER A 86 18.52 13.09 7.54
N ALA A 87 17.96 14.23 7.10
CA ALA A 87 18.21 14.78 5.75
C ALA A 87 19.60 15.39 5.60
N LYS A 88 20.29 14.91 4.56
CA LYS A 88 21.67 15.24 4.20
C LYS A 88 21.73 16.07 2.88
N PHE A 89 21.00 17.20 2.85
CA PHE A 89 20.97 18.05 1.67
C PHE A 89 21.18 19.55 1.90
N ASN A 90 21.81 20.14 0.88
CA ASN A 90 21.84 21.60 0.66
C ASN A 90 21.07 21.89 -0.65
N ASP A 91 20.87 23.17 -0.96
CA ASP A 91 20.09 23.61 -2.14
C ASP A 91 18.67 23.05 -2.04
N GLU A 92 18.41 21.97 -2.79
CA GLU A 92 17.05 21.45 -3.01
C GLU A 92 16.92 19.93 -2.86
N ALA A 93 15.77 19.49 -2.41
CA ALA A 93 15.46 18.06 -2.42
C ALA A 93 14.01 17.86 -2.74
N LEU A 94 13.73 16.77 -3.47
CA LEU A 94 12.40 16.21 -3.62
C LEU A 94 12.17 15.20 -2.49
N ILE A 95 11.09 15.42 -1.73
CA ILE A 95 10.70 14.60 -0.58
C ILE A 95 9.39 13.92 -0.97
N ILE A 96 9.35 12.60 -0.88
CA ILE A 96 8.06 11.90 -0.99
C ILE A 96 7.84 10.91 0.14
N TYR A 97 6.57 10.70 0.47
CA TYR A 97 6.18 9.78 1.56
C TYR A 97 6.15 8.39 1.02
N GLY A 98 6.65 7.47 1.81
CA GLY A 98 6.83 6.11 1.36
C GLY A 98 5.59 5.26 1.14
N ASP A 99 4.39 5.80 1.45
CA ASP A 99 3.20 4.99 1.26
C ASP A 99 2.20 5.53 0.26
N LEU A 100 2.65 6.44 -0.59
CA LEU A 100 1.79 7.02 -1.59
C LEU A 100 1.99 6.27 -2.86
N PHE A 101 0.89 6.04 -3.57
CA PHE A 101 0.96 5.54 -4.91
C PHE A 101 0.40 6.62 -5.79
N PHE A 102 1.13 7.00 -6.82
CA PHE A 102 0.66 7.96 -7.80
C PHE A 102 0.86 7.38 -9.18
N SER A 103 -0.08 7.66 -10.06
CA SER A 103 -0.05 7.08 -11.40
C SER A 103 0.95 7.74 -12.31
N ASN A 104 1.29 8.99 -12.07
CA ASN A 104 2.18 9.63 -13.03
C ASN A 104 3.19 10.52 -12.37
N GLU A 105 4.38 10.55 -12.96
CA GLU A 105 5.48 11.37 -12.48
C GLU A 105 5.50 12.79 -13.09
N LYS A 106 4.57 13.05 -14.02
CA LYS A 106 4.49 14.31 -14.73
C LYS A 106 4.51 15.51 -13.80
N GLU A 107 4.04 15.34 -12.58
CA GLU A 107 4.01 16.44 -11.65
C GLU A 107 5.36 16.61 -10.98
N ILE A 108 6.06 15.51 -10.79
CA ILE A 108 7.37 15.55 -10.16
C ILE A 108 8.36 16.18 -11.14
N CYS A 109 8.37 15.72 -12.38
CA CYS A 109 9.26 16.29 -13.37
C CYS A 109 9.08 17.81 -13.46
N ASN A 110 7.89 18.24 -13.13
CA ASN A 110 7.51 19.59 -13.31
C ASN A 110 8.01 20.42 -12.10
N ILE A 111 7.73 19.91 -10.90
CA ILE A 111 8.14 20.52 -9.63
C ILE A 111 9.67 20.74 -9.50
N ILE A 112 10.48 19.85 -10.03
CA ILE A 112 11.93 19.91 -9.79
C ILE A 112 12.59 21.04 -10.58
N THR A 113 11.83 21.59 -11.54
CA THR A 113 12.36 22.60 -12.44
C THR A 113 12.19 23.98 -11.81
N LEU A 114 11.60 24.03 -10.59
CA LEU A 114 11.21 25.27 -9.91
C LEU A 114 12.30 25.66 -8.92
N LYS A 115 12.57 26.98 -8.82
CA LYS A 115 13.55 27.50 -7.91
C LYS A 115 12.93 27.61 -6.54
N GLU A 116 11.63 27.92 -6.52
CA GLU A 116 10.94 28.10 -5.25
C GLU A 116 10.55 26.77 -4.60
N ASN A 117 10.27 26.84 -3.30
CA ASN A 117 9.66 25.75 -2.59
C ASN A 117 8.28 25.50 -3.15
N ALA A 118 8.00 24.25 -3.54
CA ALA A 118 6.67 23.88 -4.04
C ALA A 118 6.08 22.62 -3.36
N ILE A 119 4.81 22.35 -3.61
CA ILE A 119 4.08 21.30 -2.94
C ILE A 119 2.96 20.84 -3.84
N ILE A 120 2.75 19.52 -3.90
CA ILE A 120 1.66 18.96 -4.72
C ILE A 120 0.40 18.78 -3.88
N GLY A 121 -0.73 19.13 -4.47
CA GLY A 121 -2.02 18.99 -3.85
C GLY A 121 -2.94 18.23 -4.77
N VAL A 122 -3.75 17.38 -4.17
CA VAL A 122 -4.64 16.52 -4.92
C VAL A 122 -6.05 16.72 -4.37
N LYS A 123 -7.03 16.65 -5.24
CA LYS A 123 -8.42 16.76 -4.82
C LYS A 123 -9.04 15.39 -4.46
N VAL A 124 -9.32 15.24 -3.16
CA VAL A 124 -10.01 14.06 -2.60
C VAL A 124 -11.44 14.41 -2.19
N SER A 125 -12.36 13.47 -2.42
CA SER A 125 -13.77 13.65 -2.06
C SER A 125 -14.06 13.22 -0.62
N ASN A 126 -13.12 13.52 0.27
CA ASN A 126 -13.23 13.28 1.72
C ASN A 126 -12.17 14.05 2.50
N PRO A 127 -12.07 15.38 2.29
CA PRO A 127 -10.85 16.09 2.70
C PRO A 127 -10.59 16.26 4.20
N LYS A 128 -11.37 15.58 5.06
CA LYS A 128 -11.35 15.81 6.52
C LYS A 128 -10.02 16.03 7.31
N ASP A 129 -8.90 15.30 7.06
CA ASP A 129 -8.83 13.89 6.67
C ASP A 129 -7.50 13.10 6.79
N TYR A 130 -6.31 13.57 6.38
CA TYR A 130 -5.92 14.65 5.42
C TYR A 130 -5.85 16.14 5.85
N GLY A 131 -4.64 16.68 5.75
CA GLY A 131 -4.37 18.11 5.82
C GLY A 131 -4.90 18.81 4.59
N VAL A 132 -5.80 19.77 4.82
CA VAL A 132 -6.46 20.53 3.76
C VAL A 132 -5.60 21.75 3.43
N LEU A 133 -5.53 22.10 2.15
CA LEU A 133 -4.64 23.19 1.71
C LEU A 133 -5.38 24.52 1.54
N VAL A 134 -5.03 25.49 2.39
CA VAL A 134 -5.57 26.86 2.32
C VAL A 134 -4.75 27.69 1.32
N LEU A 135 -5.35 27.96 0.16
CA LEU A 135 -4.68 28.74 -0.86
C LEU A 135 -4.95 30.26 -0.73
N ASP A 136 -3.89 31.05 -0.57
CA ASP A 136 -4.02 32.52 -0.58
C ASP A 136 -4.56 33.09 -1.92
N ASN A 137 -4.85 34.40 -1.91
CA ASN A 137 -5.44 35.11 -3.08
C ASN A 137 -4.76 34.88 -4.43
N GLN A 138 -3.54 34.37 -4.40
CA GLN A 138 -2.72 34.21 -5.61
C GLN A 138 -2.43 32.74 -5.90
N ASN A 139 -2.87 31.89 -4.99
CA ASN A 139 -2.88 30.42 -5.16
C ASN A 139 -1.57 29.67 -4.85
N ASN A 140 -0.64 30.37 -4.20
CA ASN A 140 0.44 29.70 -3.48
C ASN A 140 -0.10 29.36 -2.08
N LEU A 141 0.73 28.77 -1.23
CA LEU A 141 0.20 28.22 0.01
C LEU A 141 0.04 29.27 1.11
N SER A 142 -1.17 29.34 1.66
CA SER A 142 -1.44 30.12 2.86
C SER A 142 -1.12 29.26 4.07
N LYS A 143 -1.94 28.25 4.33
CA LYS A 143 -1.61 27.26 5.38
C LYS A 143 -2.17 25.85 5.09
N ILE A 144 -1.80 24.87 5.92
CA ILE A 144 -2.36 23.52 5.85
C ILE A 144 -2.97 23.14 7.20
N ILE A 145 -4.29 22.96 7.22
CA ILE A 145 -5.01 22.62 8.45
C ILE A 145 -5.00 21.12 8.67
N GLU A 146 -4.31 20.71 9.74
CA GLU A 146 -4.14 19.29 10.04
C GLU A 146 -5.38 18.58 10.59
N LYS A 147 -6.13 17.96 9.68
CA LYS A 147 -7.23 17.04 9.99
C LYS A 147 -8.41 17.65 10.77
N PRO A 148 -8.98 18.78 10.26
CA PRO A 148 -9.80 19.70 11.06
C PRO A 148 -11.26 19.29 11.37
N GLU A 149 -11.68 18.09 10.92
CA GLU A 149 -13.10 17.64 10.87
C GLU A 149 -14.13 18.60 10.22
N ILE A 150 -13.68 19.79 9.82
CA ILE A 150 -14.40 20.57 8.82
C ILE A 150 -13.52 20.60 7.55
N PRO A 151 -14.13 20.44 6.35
CA PRO A 151 -13.34 20.61 5.12
C PRO A 151 -13.47 22.00 4.47
N PRO A 152 -12.50 22.92 4.75
CA PRO A 152 -12.40 24.22 4.06
C PRO A 152 -12.08 24.13 2.55
N SER A 153 -11.55 22.99 2.08
CA SER A 153 -11.16 22.77 0.68
C SER A 153 -11.19 21.27 0.32
N ASN A 154 -11.29 20.99 -0.98
CA ASN A 154 -11.06 19.64 -1.54
C ASN A 154 -9.59 19.33 -1.78
N LEU A 155 -8.78 20.38 -1.90
CA LEU A 155 -7.32 20.27 -2.03
C LEU A 155 -6.67 19.79 -0.74
N ILE A 156 -6.04 18.62 -0.81
CA ILE A 156 -5.28 18.10 0.32
C ILE A 156 -3.77 18.03 0.01
N ASN A 157 -2.96 17.94 1.06
CA ASN A 157 -1.54 17.72 0.89
C ASN A 157 -1.25 16.33 0.30
N ALA A 158 -0.83 16.28 -0.97
CA ALA A 158 -0.51 15.02 -1.66
C ALA A 158 0.80 14.34 -1.18
N GLY A 159 1.54 14.99 -0.26
CA GLY A 159 2.79 14.48 0.29
C GLY A 159 3.99 14.33 -0.65
N ILE A 160 4.00 15.12 -1.73
CA ILE A 160 5.16 15.30 -2.64
C ILE A 160 5.73 16.73 -2.58
N TYR A 161 6.91 16.87 -2.00
CA TYR A 161 7.50 18.18 -1.74
C TYR A 161 8.74 18.41 -2.56
N LYS A 162 8.96 19.65 -2.96
CA LYS A 162 10.25 20.09 -3.49
C LYS A 162 10.66 21.28 -2.62
N LEU A 163 11.61 21.04 -1.73
CA LEU A 163 11.93 21.99 -0.67
C LEU A 163 13.40 22.36 -0.77
N ASN A 164 13.66 23.64 -0.52
CA ASN A 164 15.02 24.16 -0.44
C ASN A 164 15.55 24.15 0.99
N SER A 165 16.87 24.20 1.15
CA SER A 165 17.52 24.11 2.46
C SER A 165 16.97 25.08 3.54
N ASP A 166 16.15 26.07 3.14
CA ASP A 166 15.43 26.94 4.10
C ASP A 166 14.50 26.16 5.00
N ILE A 167 14.16 24.93 4.62
CA ILE A 167 13.27 24.15 5.44
C ILE A 167 13.86 23.88 6.83
N PHE A 168 15.18 23.68 6.90
CA PHE A 168 15.85 23.33 8.17
C PHE A 168 15.69 24.39 9.25
N THR A 169 15.77 25.65 8.83
CA THR A 169 15.53 26.78 9.70
C THR A 169 14.22 26.65 10.50
N TYR A 170 13.11 26.48 9.80
CA TYR A 170 11.78 26.41 10.44
C TYR A 170 11.53 25.07 11.13
N LEU A 171 12.39 24.09 10.88
CA LEU A 171 12.29 22.77 11.51
C LEU A 171 12.73 22.84 12.97
N ASP A 172 13.69 23.73 13.22
CA ASP A 172 14.19 23.97 14.58
C ASP A 172 13.25 24.90 15.32
N LYS A 173 12.81 25.96 14.63
CA LYS A 173 11.91 26.96 15.19
C LYS A 173 10.56 26.34 15.54
N ILE A 174 10.20 25.25 14.86
CA ILE A 174 8.97 24.51 15.15
C ILE A 174 9.09 23.63 16.41
N SER A 175 8.23 23.92 17.39
CA SER A 175 8.08 23.10 18.60
C SER A 175 7.03 22.02 18.37
N ILE A 176 7.36 20.81 18.81
CA ILE A 176 6.70 19.60 18.31
C ILE A 176 6.65 18.46 19.32
N SER A 177 5.49 17.80 19.48
CA SER A 177 4.19 18.24 18.94
C SER A 177 3.07 17.68 19.79
N GLU A 178 1.83 17.82 19.31
CA GLU A 178 0.64 17.39 20.05
C GLU A 178 0.19 15.94 19.71
N ARG A 179 1.08 15.20 19.04
CA ARG A 179 0.98 13.74 18.93
C ARG A 179 2.32 13.08 19.32
N GLY A 180 3.32 13.92 19.57
CA GLY A 180 4.70 13.50 19.83
C GLY A 180 5.55 13.61 18.57
N GLU A 181 4.85 13.61 17.42
CA GLU A 181 5.45 13.64 16.09
C GLU A 181 6.03 15.00 15.68
N LEU A 182 7.35 15.09 15.54
CA LEU A 182 7.93 16.25 14.86
C LEU A 182 7.48 16.19 13.41
N GLU A 183 6.58 17.11 13.05
CA GLU A 183 5.92 17.07 11.75
C GLU A 183 6.58 17.98 10.73
N LEU A 184 6.39 17.66 9.46
CA LEU A 184 6.92 18.49 8.42
C LEU A 184 6.00 19.69 8.25
N THR A 185 4.73 19.43 7.97
CA THR A 185 3.74 20.47 7.69
C THR A 185 3.83 21.73 8.59
N ASP A 186 4.16 21.55 9.86
CA ASP A 186 4.32 22.65 10.81
C ASP A 186 5.35 23.64 10.32
N ALA A 187 6.52 23.11 9.99
CA ALA A 187 7.65 23.87 9.46
C ALA A 187 7.36 24.53 8.12
N ILE A 188 6.62 23.82 7.27
CA ILE A 188 6.19 24.35 5.98
C ILE A 188 5.22 25.52 6.16
N ASN A 189 4.51 25.51 7.29
CA ASN A 189 3.51 26.53 7.57
C ASN A 189 4.02 27.90 7.99
N LEU A 190 5.10 27.90 8.78
CA LEU A 190 5.85 29.13 9.08
C LEU A 190 6.57 29.68 7.84
N MET A 191 7.22 28.78 7.09
CA MET A 191 7.94 29.13 5.88
C MET A 191 7.01 29.77 4.84
N ALA A 192 5.78 29.24 4.74
CA ALA A 192 4.77 29.76 3.80
C ALA A 192 4.39 31.23 4.09
N LYS A 193 4.68 31.69 5.31
CA LYS A 193 4.44 33.08 5.68
C LYS A 193 5.51 34.02 5.12
N ASP A 194 6.78 33.60 5.24
CA ASP A 194 7.92 34.36 4.72
C ASP A 194 8.12 34.04 3.23
N HIS A 195 8.23 32.74 2.95
CA HIS A 195 8.50 32.26 1.61
C HIS A 195 7.25 31.89 0.85
N ARG A 196 7.35 32.11 -0.45
CA ARG A 196 6.33 31.73 -1.41
C ARG A 196 6.53 30.22 -1.69
N VAL A 197 5.50 29.45 -1.34
CA VAL A 197 5.46 28.00 -1.52
C VAL A 197 4.39 27.66 -2.55
N LYS A 198 4.79 27.43 -3.81
CA LYS A 198 3.85 27.12 -4.90
C LYS A 198 2.98 25.92 -4.57
N VAL A 199 1.87 25.78 -5.26
CA VAL A 199 1.04 24.60 -5.10
C VAL A 199 0.66 24.17 -6.51
N ILE A 200 1.17 22.99 -6.90
CA ILE A 200 0.76 22.33 -8.14
C ILE A 200 -0.36 21.34 -7.80
N GLU A 201 -1.38 21.32 -8.64
CA GLU A 201 -2.49 20.43 -8.42
C GLU A 201 -2.21 19.14 -9.17
N TYR A 202 -2.17 18.03 -8.43
CA TYR A 202 -1.99 16.71 -9.01
C TYR A 202 -3.19 16.31 -9.86
N GLU A 203 -2.97 15.80 -11.07
CA GLU A 203 -4.13 15.47 -11.90
C GLU A 203 -4.62 14.00 -12.01
N GLY A 204 -3.72 13.03 -12.28
CA GLY A 204 -4.10 11.61 -12.28
C GLY A 204 -4.53 10.93 -10.96
N TYR A 205 -4.11 9.68 -10.78
CA TYR A 205 -4.43 8.86 -9.59
C TYR A 205 -3.41 8.94 -8.43
N TRP A 206 -3.95 9.17 -7.24
CA TRP A 206 -3.25 9.24 -5.99
C TRP A 206 -3.97 8.32 -4.95
N MET A 207 -3.22 7.66 -4.08
CA MET A 207 -3.80 6.90 -2.99
C MET A 207 -2.74 6.84 -1.91
N ASP A 208 -3.00 7.24 -0.68
CA ASP A 208 -2.06 6.80 0.34
C ASP A 208 -2.48 5.41 0.80
N ILE A 209 -1.52 4.51 0.88
CA ILE A 209 -1.86 3.16 1.25
C ILE A 209 -1.81 3.17 2.75
N GLY A 210 -2.89 3.63 3.37
CA GLY A 210 -2.91 3.83 4.81
C GLY A 210 -3.82 2.89 5.58
N LYS A 211 -4.50 2.00 4.89
CA LYS A 211 -5.34 1.01 5.57
C LYS A 211 -5.36 -0.26 4.72
N PRO A 212 -5.51 -1.46 5.35
CA PRO A 212 -5.19 -2.68 4.60
C PRO A 212 -6.04 -2.87 3.35
N TRP A 213 -7.29 -2.43 3.39
CA TRP A 213 -8.07 -2.53 2.19
C TRP A 213 -7.57 -1.70 1.04
N ASN A 214 -6.78 -0.64 1.29
CA ASN A 214 -6.18 0.15 0.20
C ASN A 214 -5.20 -0.63 -0.63
N ILE A 215 -4.64 -1.71 -0.10
CA ILE A 215 -3.89 -2.64 -0.96
C ILE A 215 -4.75 -3.21 -2.10
N ILE A 216 -6.03 -3.48 -1.79
CA ILE A 216 -6.99 -3.87 -2.83
C ILE A 216 -7.25 -2.68 -3.79
N ASP A 217 -7.65 -1.55 -3.25
CA ASP A 217 -7.74 -0.31 -4.01
C ASP A 217 -6.60 -0.17 -5.05
N VAL A 218 -5.35 -0.01 -4.63
CA VAL A 218 -4.32 0.27 -5.69
C VAL A 218 -4.05 -0.87 -6.67
N ASN A 219 -4.23 -2.09 -6.21
CA ASN A 219 -3.91 -3.21 -7.08
C ASN A 219 -5.00 -3.30 -8.09
N LYS A 220 -6.23 -2.92 -7.70
CA LYS A 220 -7.33 -2.89 -8.68
C LYS A 220 -7.05 -1.82 -9.72
N TRP A 221 -6.77 -0.61 -9.26
CA TRP A 221 -6.35 0.45 -10.20
C TRP A 221 -5.25 0.00 -11.18
N ALA A 222 -4.16 -0.49 -10.65
CA ALA A 222 -3.06 -0.94 -11.47
C ALA A 222 -3.42 -2.02 -12.51
N LEU A 223 -4.29 -2.95 -12.12
CA LEU A 223 -4.71 -4.02 -13.00
C LEU A 223 -5.46 -3.39 -14.15
N ASP A 224 -6.29 -2.42 -13.82
CA ASP A 224 -7.04 -1.73 -14.86
C ASP A 224 -6.13 -0.95 -15.81
N ASN A 225 -5.18 -0.22 -15.24
CA ASN A 225 -4.53 0.85 -15.95
C ASN A 225 -3.13 0.58 -16.43
N LEU A 226 -2.34 -0.19 -15.67
CA LEU A 226 -0.94 -0.30 -16.01
C LEU A 226 -0.54 -1.49 -16.86
N VAL A 227 -1.44 -2.44 -17.09
CA VAL A 227 -1.12 -3.71 -17.80
C VAL A 227 -2.20 -4.10 -18.78
N PHE A 228 -1.84 -4.97 -19.73
CA PHE A 228 -2.70 -5.34 -20.83
C PHE A 228 -2.71 -6.85 -21.06
N SER A 229 -3.85 -7.37 -21.52
CA SER A 229 -4.04 -8.81 -21.75
C SER A 229 -2.86 -9.45 -22.45
N GLN A 230 -2.26 -10.47 -21.82
CA GLN A 230 -1.16 -11.21 -22.42
C GLN A 230 -1.04 -12.60 -21.85
N ASN A 231 -0.48 -13.50 -22.65
CA ASN A 231 -0.20 -14.83 -22.19
C ASN A 231 1.26 -15.18 -22.50
N LEU A 232 2.08 -15.25 -21.45
CA LEU A 232 3.46 -15.77 -21.55
C LEU A 232 3.64 -17.10 -20.82
N GLY A 233 2.54 -17.79 -20.54
CA GLY A 233 2.58 -19.02 -19.77
C GLY A 233 2.01 -20.19 -20.57
N ASN A 234 1.64 -21.26 -19.89
CA ASN A 234 1.13 -22.45 -20.53
C ASN A 234 -0.31 -22.63 -20.11
N VAL A 235 -1.23 -22.70 -21.07
CA VAL A 235 -2.65 -22.88 -20.80
C VAL A 235 -3.12 -24.14 -21.51
N GLU A 236 -3.69 -25.07 -20.75
CA GLU A 236 -4.05 -26.37 -21.28
C GLU A 236 -5.36 -26.20 -21.99
N ASP A 237 -5.85 -27.29 -22.60
CA ASP A 237 -7.15 -27.22 -23.20
C ASP A 237 -8.26 -27.21 -22.16
N ASN A 238 -9.41 -26.68 -22.55
CA ASN A 238 -10.55 -26.47 -21.67
C ASN A 238 -10.35 -25.52 -20.54
N VAL A 239 -9.67 -24.42 -20.82
CA VAL A 239 -9.64 -23.31 -19.91
C VAL A 239 -10.47 -22.24 -20.58
N LYS A 240 -11.45 -21.65 -19.91
CA LYS A 240 -12.20 -20.57 -20.50
C LYS A 240 -11.63 -19.26 -20.00
N ILE A 241 -11.32 -18.34 -20.93
CA ILE A 241 -10.93 -16.99 -20.56
C ILE A 241 -11.82 -15.88 -21.13
N LYS A 242 -12.31 -15.01 -20.26
CA LYS A 242 -13.02 -13.79 -20.64
C LYS A 242 -12.31 -12.52 -20.11
N GLY A 243 -12.27 -11.48 -20.94
CA GLY A 243 -11.82 -10.17 -20.46
C GLY A 243 -10.33 -10.09 -20.38
N LYS A 244 -9.83 -9.13 -19.63
CA LYS A 244 -8.37 -8.91 -19.48
C LYS A 244 -7.70 -9.91 -18.57
N VAL A 245 -6.73 -10.66 -19.10
CA VAL A 245 -6.01 -11.59 -18.29
C VAL A 245 -4.51 -11.52 -18.52
N ILE A 246 -3.74 -11.25 -17.48
CA ILE A 246 -2.28 -11.26 -17.59
C ILE A 246 -1.78 -12.61 -17.08
N ILE A 247 -1.22 -13.39 -17.99
CA ILE A 247 -0.59 -14.63 -17.62
C ILE A 247 0.91 -14.48 -17.84
N GLU A 248 1.67 -14.63 -16.76
CA GLU A 248 3.09 -14.39 -16.77
C GLU A 248 3.87 -15.65 -17.02
N GLU A 249 5.17 -15.49 -17.25
CA GLU A 249 5.96 -16.60 -17.70
C GLU A 249 6.07 -17.64 -16.62
N ASP A 250 6.12 -18.88 -17.05
CA ASP A 250 6.21 -20.03 -16.19
C ASP A 250 4.89 -20.41 -15.52
N ALA A 251 3.84 -19.60 -15.72
CA ALA A 251 2.52 -19.91 -15.17
C ALA A 251 1.83 -21.01 -15.98
N GLU A 252 1.17 -21.91 -15.26
CA GLU A 252 0.55 -23.09 -15.84
C GLU A 252 -0.89 -23.08 -15.45
N ILE A 253 -1.78 -23.17 -16.44
CA ILE A 253 -3.22 -23.19 -16.23
C ILE A 253 -3.89 -24.46 -16.79
N LYS A 254 -4.47 -25.25 -15.90
CA LYS A 254 -4.95 -26.58 -16.16
C LYS A 254 -6.41 -26.57 -16.48
N SER A 255 -6.81 -27.60 -17.20
CA SER A 255 -8.13 -27.69 -17.78
C SER A 255 -9.24 -27.54 -16.74
N GLY A 256 -10.39 -27.04 -17.18
CA GLY A 256 -11.50 -26.87 -16.27
C GLY A 256 -11.47 -25.52 -15.61
N THR A 257 -10.33 -24.86 -15.68
CA THR A 257 -10.21 -23.52 -15.13
C THR A 257 -11.03 -22.50 -15.90
N TYR A 258 -11.66 -21.58 -15.17
CA TYR A 258 -12.57 -20.56 -15.72
C TYR A 258 -12.18 -19.20 -15.17
N ILE A 259 -11.84 -18.27 -16.07
CA ILE A 259 -11.27 -16.97 -15.68
C ILE A 259 -12.20 -15.89 -16.22
N GLU A 260 -12.75 -15.07 -15.34
CA GLU A 260 -13.49 -13.89 -15.77
C GLU A 260 -12.60 -12.70 -15.43
N GLY A 261 -12.03 -12.03 -16.44
CA GLY A 261 -11.04 -10.98 -16.22
C GLY A 261 -11.75 -9.74 -15.72
N PRO A 262 -11.01 -8.76 -15.20
CA PRO A 262 -9.55 -8.65 -15.15
C PRO A 262 -8.87 -9.47 -14.04
N VAL A 263 -7.84 -10.20 -14.45
CA VAL A 263 -7.12 -11.07 -13.56
C VAL A 263 -5.65 -11.01 -13.88
N TYR A 264 -4.86 -10.90 -12.84
CA TYR A 264 -3.42 -10.93 -12.96
C TYR A 264 -2.90 -12.25 -12.41
N ILE A 265 -2.21 -13.03 -13.25
CA ILE A 265 -1.61 -14.29 -12.80
C ILE A 265 -0.08 -14.24 -12.75
N GLY A 266 0.48 -14.07 -11.55
CA GLY A 266 1.94 -13.86 -11.41
C GLY A 266 2.78 -15.01 -11.92
N LYS A 267 4.08 -14.81 -12.09
CA LYS A 267 4.94 -15.81 -12.71
C LYS A 267 5.15 -17.07 -11.88
N GLY A 268 5.19 -18.21 -12.53
CA GLY A 268 5.42 -19.42 -11.79
C GLY A 268 4.15 -19.91 -11.12
N SER A 269 3.00 -19.29 -11.37
CA SER A 269 1.76 -19.74 -10.78
C SER A 269 1.28 -21.08 -11.33
N GLU A 270 0.55 -21.83 -10.51
CA GLU A 270 -0.02 -23.08 -10.95
C GLU A 270 -1.49 -23.05 -10.57
N ILE A 271 -2.36 -22.98 -11.58
CA ILE A 271 -3.78 -22.76 -11.39
C ILE A 271 -4.47 -24.00 -11.89
N GLY A 272 -5.47 -24.47 -11.17
CA GLY A 272 -6.25 -25.58 -11.64
C GLY A 272 -5.84 -26.95 -11.12
N PRO A 273 -6.55 -27.98 -11.57
CA PRO A 273 -7.65 -27.95 -12.53
C PRO A 273 -8.95 -27.44 -11.90
N ASN A 274 -9.91 -27.00 -12.69
CA ASN A 274 -11.23 -26.73 -12.15
C ASN A 274 -11.18 -25.62 -11.11
N SER A 275 -10.35 -24.62 -11.36
CA SER A 275 -10.36 -23.41 -10.57
C SER A 275 -11.26 -22.33 -11.19
N TYR A 276 -11.67 -21.36 -10.40
CA TYR A 276 -12.50 -20.28 -10.92
C TYR A 276 -11.89 -18.97 -10.47
N LEU A 277 -11.29 -18.20 -11.38
CA LEU A 277 -10.77 -16.87 -11.02
C LEU A 277 -11.71 -15.76 -11.48
N ARG A 278 -12.15 -14.92 -10.56
CA ARG A 278 -13.15 -13.94 -10.86
C ARG A 278 -12.51 -12.57 -10.91
N PRO A 279 -13.24 -11.57 -11.42
CA PRO A 279 -12.66 -10.22 -11.58
C PRO A 279 -11.88 -9.71 -10.35
N TYR A 280 -10.72 -9.17 -10.64
CA TYR A 280 -9.81 -8.52 -9.69
C TYR A 280 -9.07 -9.51 -8.83
N THR A 281 -8.83 -10.69 -9.40
CA THR A 281 -7.98 -11.69 -8.79
C THR A 281 -6.56 -11.30 -9.17
N ILE A 282 -5.72 -11.08 -8.16
CA ILE A 282 -4.35 -10.70 -8.38
C ILE A 282 -3.45 -11.69 -7.69
N LEU A 283 -2.78 -12.55 -8.45
CA LEU A 283 -1.87 -13.46 -7.77
C LEU A 283 -0.49 -12.95 -8.04
N VAL A 284 0.22 -12.46 -7.02
CA VAL A 284 1.44 -11.69 -7.33
C VAL A 284 2.61 -12.48 -7.94
N GLU A 285 2.82 -13.69 -7.47
CA GLU A 285 3.94 -14.49 -7.91
C GLU A 285 3.88 -15.89 -7.30
N LYS A 286 4.03 -16.91 -8.14
CA LYS A 286 4.25 -18.26 -7.66
C LYS A 286 3.16 -18.77 -6.71
N ASN A 287 1.90 -18.63 -7.16
CA ASN A 287 0.79 -18.93 -6.29
C ASN A 287 0.20 -20.23 -6.75
N LYS A 288 -0.31 -21.01 -5.81
CA LYS A 288 -1.07 -22.19 -6.18
C LYS A 288 -2.53 -21.98 -5.80
N ILE A 289 -3.37 -22.13 -6.82
CA ILE A 289 -4.84 -22.05 -6.76
C ILE A 289 -5.31 -23.37 -7.38
N GLY A 290 -5.86 -24.26 -6.54
CA GLY A 290 -6.24 -25.69 -6.84
C GLY A 290 -7.66 -25.95 -7.24
N ALA A 291 -8.07 -27.22 -7.21
CA ALA A 291 -9.37 -27.62 -7.71
C ALA A 291 -10.41 -27.21 -6.73
N SER A 292 -11.55 -26.74 -7.25
CA SER A 292 -12.62 -26.17 -6.45
C SER A 292 -12.23 -25.05 -5.56
N VAL A 293 -11.32 -24.19 -6.03
CA VAL A 293 -10.95 -22.98 -5.34
C VAL A 293 -11.45 -21.78 -6.13
N GLU A 294 -12.12 -20.85 -5.46
CA GLU A 294 -12.64 -19.68 -6.18
C GLU A 294 -12.03 -18.44 -5.46
N VAL A 295 -11.59 -17.47 -6.25
CA VAL A 295 -11.02 -16.22 -5.74
C VAL A 295 -11.67 -15.05 -6.46
N LYS A 296 -11.93 -13.98 -5.70
CA LYS A 296 -12.53 -12.79 -6.26
C LYS A 296 -11.99 -11.57 -5.56
N GLU A 297 -11.64 -10.57 -6.34
CA GLU A 297 -11.17 -9.32 -5.74
C GLU A 297 -10.27 -9.47 -4.55
N SER A 298 -9.14 -10.11 -4.75
CA SER A 298 -8.16 -10.25 -3.65
C SER A 298 -6.77 -10.21 -4.18
N VAL A 299 -5.84 -9.94 -3.29
CA VAL A 299 -4.45 -9.85 -3.58
C VAL A 299 -3.85 -10.95 -2.76
N ILE A 300 -3.19 -11.85 -3.44
CA ILE A 300 -2.58 -13.01 -2.77
C ILE A 300 -1.10 -12.94 -3.16
N MET A 301 -0.26 -12.70 -2.16
CA MET A 301 1.15 -12.44 -2.34
C MET A 301 1.99 -13.67 -2.59
N GLU A 302 3.29 -13.45 -2.64
CA GLU A 302 4.29 -14.36 -3.22
C GLU A 302 4.25 -15.78 -2.64
N GLY A 303 4.17 -16.79 -3.51
CA GLY A 303 4.27 -18.18 -3.08
C GLY A 303 3.16 -18.66 -2.15
N SER A 304 2.09 -17.90 -1.99
CA SER A 304 0.94 -18.34 -1.17
C SER A 304 0.10 -19.35 -1.87
N LYS A 305 -0.46 -20.28 -1.11
CA LYS A 305 -1.05 -21.46 -1.72
C LYS A 305 -2.49 -21.68 -1.21
N ILE A 306 -3.46 -21.75 -2.11
CA ILE A 306 -4.87 -22.03 -1.73
C ILE A 306 -5.27 -23.26 -2.51
N PRO A 307 -4.91 -24.47 -2.05
CA PRO A 307 -5.01 -25.56 -3.04
C PRO A 307 -6.31 -26.34 -3.12
N HIS A 308 -7.22 -26.30 -2.13
CA HIS A 308 -8.45 -27.12 -2.22
C HIS A 308 -9.68 -26.56 -1.60
N LEU A 309 -10.83 -26.53 -2.27
CA LEU A 309 -12.12 -26.36 -1.59
C LEU A 309 -12.28 -25.12 -0.77
N SER A 310 -11.88 -24.03 -1.41
CA SER A 310 -11.74 -22.72 -0.80
C SER A 310 -12.36 -21.57 -1.60
N TYR A 311 -12.94 -20.60 -0.89
CA TYR A 311 -13.39 -19.40 -1.49
C TYR A 311 -12.60 -18.26 -0.84
N VAL A 312 -11.95 -17.38 -1.63
CA VAL A 312 -11.29 -16.16 -1.10
C VAL A 312 -11.92 -14.99 -1.80
N GLY A 313 -12.61 -14.11 -1.09
CA GLY A 313 -13.33 -13.01 -1.75
C GLY A 313 -12.91 -11.78 -1.00
N ASP A 314 -12.60 -10.69 -1.70
CA ASP A 314 -12.29 -9.38 -1.09
C ASP A 314 -11.26 -9.37 -0.01
N SER A 315 -10.21 -10.12 -0.18
CA SER A 315 -9.21 -10.26 0.87
C SER A 315 -7.81 -9.90 0.46
N VAL A 316 -6.95 -9.75 1.45
CA VAL A 316 -5.52 -9.55 1.17
C VAL A 316 -4.74 -10.62 1.87
N ILE A 317 -4.03 -11.45 1.12
CA ILE A 317 -3.33 -12.56 1.79
C ILE A 317 -1.84 -12.45 1.55
N ALA A 318 -1.05 -12.49 2.61
CA ALA A 318 0.32 -12.08 2.48
C ALA A 318 1.18 -13.22 1.94
N GLU A 319 2.49 -13.23 2.18
CA GLU A 319 3.35 -14.21 1.51
C GLU A 319 3.48 -15.50 2.25
N ASP A 320 3.72 -16.57 1.50
CA ASP A 320 3.88 -17.94 2.02
C ASP A 320 2.79 -18.39 2.97
N VAL A 321 1.52 -18.11 2.62
CA VAL A 321 0.37 -18.56 3.39
C VAL A 321 -0.06 -19.87 2.78
N ASN A 322 -0.53 -20.80 3.61
CA ASN A 322 -1.14 -22.03 3.05
C ASN A 322 -2.51 -22.16 3.59
N PHE A 323 -3.51 -22.40 2.72
CA PHE A 323 -4.84 -22.71 3.22
C PHE A 323 -5.03 -24.14 3.35
N GLY A 324 -5.36 -24.59 4.54
CA GLY A 324 -5.97 -25.95 4.52
C GLY A 324 -7.27 -26.11 3.76
N ALA A 325 -7.46 -27.30 3.20
CA ALA A 325 -8.71 -27.74 2.54
C ALA A 325 -9.84 -27.27 3.32
N GLY A 326 -10.68 -26.57 2.63
CA GLY A 326 -11.94 -26.10 3.23
C GLY A 326 -11.90 -24.82 3.99
N THR A 327 -10.80 -24.01 3.97
CA THR A 327 -10.90 -22.73 4.75
C THR A 327 -11.76 -21.82 3.91
N LEU A 328 -12.57 -20.91 4.44
CA LEU A 328 -13.57 -20.17 3.70
C LEU A 328 -13.46 -18.87 4.45
N ILE A 329 -13.34 -17.79 3.70
CA ILE A 329 -13.47 -16.45 4.22
C ILE A 329 -14.84 -15.89 3.94
N ALA A 330 -15.45 -15.28 4.94
CA ALA A 330 -16.71 -14.64 4.77
C ALA A 330 -16.44 -13.19 4.35
N ASN A 331 -17.20 -12.63 3.42
CA ASN A 331 -16.99 -11.24 3.06
C ASN A 331 -18.20 -10.33 3.28
N LEU A 332 -19.18 -10.82 4.02
CA LEU A 332 -20.45 -10.10 4.25
C LEU A 332 -20.99 -10.39 5.65
N ARG A 333 -21.35 -9.35 6.44
CA ARG A 333 -21.92 -9.52 7.79
C ARG A 333 -23.39 -10.01 7.70
N PHE A 334 -23.87 -10.69 8.75
CA PHE A 334 -25.25 -11.25 8.65
C PHE A 334 -26.23 -10.13 8.37
N ASP A 335 -25.81 -8.91 8.72
CA ASP A 335 -26.63 -7.70 8.61
C ASP A 335 -26.20 -6.73 7.52
N GLU A 336 -25.29 -7.15 6.67
CA GLU A 336 -24.97 -6.51 5.37
C GLU A 336 -24.60 -5.00 5.33
N LYS A 337 -24.29 -4.43 6.49
CA LYS A 337 -23.70 -3.08 6.58
C LYS A 337 -22.13 -3.10 6.53
N GLU A 338 -21.53 -1.91 6.43
CA GLU A 338 -20.06 -1.76 6.37
C GLU A 338 -19.30 -2.61 7.34
N VAL A 339 -18.28 -3.25 6.80
CA VAL A 339 -17.39 -4.07 7.60
C VAL A 339 -16.39 -3.18 8.35
N LYS A 340 -16.35 -3.34 9.67
CA LYS A 340 -15.37 -2.71 10.54
C LYS A 340 -14.08 -3.56 10.65
N VAL A 341 -12.98 -2.86 10.90
CA VAL A 341 -11.64 -3.43 11.04
C VAL A 341 -10.95 -2.71 12.21
N ASN A 342 -10.25 -3.43 13.06
CA ASN A 342 -9.46 -2.81 14.08
C ASN A 342 -8.21 -2.35 13.44
N VAL A 343 -7.94 -1.06 13.52
CA VAL A 343 -6.73 -0.48 12.95
C VAL A 343 -6.08 0.37 14.02
N LYS A 344 -4.87 -0.03 14.46
CA LYS A 344 -4.17 0.57 15.63
C LYS A 344 -5.08 0.72 16.85
N GLY A 345 -5.75 -0.36 17.23
CA GLY A 345 -6.63 -0.34 18.39
C GLY A 345 -7.90 0.49 18.29
N LYS A 346 -8.33 0.84 17.09
CA LYS A 346 -9.66 1.46 16.90
C LYS A 346 -10.51 0.70 15.88
N ARG A 347 -11.80 0.49 16.19
CA ARG A 347 -12.73 -0.17 15.25
C ARG A 347 -13.14 0.79 14.17
N ILE A 348 -12.65 0.66 12.95
CA ILE A 348 -13.06 1.65 11.99
C ILE A 348 -13.72 1.00 10.80
N SER A 349 -14.57 1.76 10.12
CA SER A 349 -15.24 1.21 9.00
C SER A 349 -14.39 1.27 7.82
N SER A 350 -14.50 0.22 7.01
CA SER A 350 -13.71 0.13 5.84
C SER A 350 -14.34 0.86 4.69
N GLY A 351 -15.61 1.23 4.86
CA GLY A 351 -16.37 1.76 3.74
C GLY A 351 -16.88 0.70 2.80
N ARG A 352 -16.64 -0.58 3.11
CA ARG A 352 -16.98 -1.65 2.19
C ARG A 352 -18.02 -2.55 2.83
N ARG A 353 -19.02 -2.85 2.03
CA ARG A 353 -20.13 -3.70 2.41
C ARG A 353 -19.63 -5.13 2.35
N LYS A 354 -18.82 -5.39 1.31
CA LYS A 354 -18.03 -6.67 1.13
C LYS A 354 -16.51 -6.54 1.43
N LEU A 355 -16.09 -7.21 2.47
CA LEU A 355 -14.70 -7.19 2.87
C LEU A 355 -14.44 -8.50 3.60
N GLY A 356 -13.46 -9.25 3.14
CA GLY A 356 -13.07 -10.44 3.84
C GLY A 356 -11.96 -10.14 4.79
N ALA A 357 -10.87 -10.87 4.64
CA ALA A 357 -9.88 -10.96 5.68
C ALA A 357 -8.51 -10.43 5.32
N PHE A 358 -7.71 -10.08 6.35
CA PHE A 358 -6.30 -9.69 6.16
C PHE A 358 -5.34 -10.69 6.87
N ILE A 359 -4.62 -11.45 6.03
CA ILE A 359 -3.82 -12.60 6.48
C ILE A 359 -2.30 -12.34 6.38
N GLY A 360 -1.59 -12.41 7.51
CA GLY A 360 -0.17 -12.22 7.56
C GLY A 360 0.63 -13.29 6.86
N GLY A 361 1.87 -12.99 6.51
CA GLY A 361 2.77 -13.95 5.98
C GLY A 361 2.95 -15.20 6.78
N HIS A 362 3.08 -16.31 6.08
CA HIS A 362 3.50 -17.60 6.70
C HIS A 362 2.46 -18.16 7.65
N VAL A 363 1.25 -17.66 7.54
CA VAL A 363 0.09 -18.33 8.07
C VAL A 363 -0.27 -19.68 7.50
N ARG A 364 -0.74 -20.59 8.37
CA ARG A 364 -1.20 -21.93 7.88
C ARG A 364 -2.57 -22.13 8.49
N THR A 365 -3.64 -22.35 7.71
CA THR A 365 -4.90 -22.58 8.44
C THR A 365 -5.13 -24.07 8.40
N GLY A 366 -5.67 -24.69 9.44
CA GLY A 366 -6.14 -26.04 9.30
C GLY A 366 -7.26 -26.27 8.32
N ILE A 367 -7.52 -27.52 7.87
CA ILE A 367 -8.84 -27.78 7.14
C ILE A 367 -10.09 -27.19 7.75
N ASN A 368 -11.01 -26.75 6.88
CA ASN A 368 -12.38 -26.40 7.29
C ASN A 368 -12.41 -25.30 8.27
N VAL A 369 -11.40 -24.47 8.19
CA VAL A 369 -11.35 -23.21 8.90
C VAL A 369 -12.33 -22.15 8.24
N THR A 370 -13.03 -21.47 9.14
CA THR A 370 -14.03 -20.43 8.96
C THR A 370 -13.46 -19.11 9.54
N ILE A 371 -13.20 -18.15 8.65
CA ILE A 371 -12.78 -16.74 8.96
C ILE A 371 -13.87 -15.65 8.77
N LEU A 372 -14.26 -14.89 9.85
CA LEU A 372 -15.26 -13.87 9.70
C LEU A 372 -14.88 -12.61 8.91
N PRO A 373 -15.88 -11.79 8.51
CA PRO A 373 -15.43 -10.60 7.71
C PRO A 373 -14.57 -9.54 8.49
N GLY A 374 -13.59 -8.98 7.81
CA GLY A 374 -12.70 -7.97 8.35
C GLY A 374 -11.72 -8.40 9.44
N VAL A 375 -11.51 -9.70 9.57
CA VAL A 375 -10.62 -10.21 10.62
C VAL A 375 -9.21 -10.11 10.15
N LYS A 376 -8.28 -9.81 11.08
CA LYS A 376 -6.85 -9.81 10.74
C LYS A 376 -6.20 -10.98 11.38
N ILE A 377 -5.44 -11.73 10.61
CA ILE A 377 -4.61 -12.76 11.19
C ILE A 377 -3.14 -12.41 11.02
N GLY A 378 -2.48 -12.31 12.16
CA GLY A 378 -1.02 -12.05 12.28
C GLY A 378 -0.14 -13.03 11.57
N ALA A 379 1.02 -12.57 11.09
CA ALA A 379 1.98 -13.43 10.42
C ALA A 379 2.32 -14.61 11.33
N TYR A 380 2.62 -15.76 10.76
CA TYR A 380 3.05 -16.96 11.53
C TYR A 380 1.97 -17.59 12.38
N ALA A 381 0.75 -17.10 12.25
CA ALA A 381 -0.36 -17.64 13.11
C ALA A 381 -0.72 -19.09 12.69
N ARG A 382 -1.23 -19.88 13.63
CA ARG A 382 -1.69 -21.21 13.31
C ARG A 382 -3.10 -21.34 13.84
N ILE A 383 -3.98 -21.69 12.93
CA ILE A 383 -5.41 -21.87 13.14
C ILE A 383 -5.80 -23.35 13.06
N TYR A 384 -6.26 -23.79 14.21
CA TYR A 384 -6.66 -25.19 14.44
C TYR A 384 -7.77 -25.57 13.48
N PRO A 385 -7.71 -26.79 12.93
CA PRO A 385 -8.66 -27.35 12.00
C PRO A 385 -10.09 -27.11 12.50
N GLY A 386 -10.97 -26.73 11.58
CA GLY A 386 -12.36 -26.46 12.02
C GLY A 386 -12.62 -25.21 12.85
N ALA A 387 -11.61 -24.37 13.17
CA ALA A 387 -11.87 -23.26 14.15
C ALA A 387 -12.68 -22.15 13.47
N VAL A 388 -13.41 -21.30 14.22
CA VAL A 388 -14.11 -20.20 13.62
C VAL A 388 -13.39 -18.96 14.08
N VAL A 389 -12.64 -18.33 13.22
CA VAL A 389 -11.92 -17.12 13.63
C VAL A 389 -12.79 -15.87 13.66
N ASN A 390 -13.32 -15.56 14.86
CA ASN A 390 -14.30 -14.52 15.00
C ASN A 390 -13.68 -13.30 15.71
N ARG A 391 -12.34 -13.26 15.83
CA ARG A 391 -11.66 -12.08 16.26
C ARG A 391 -10.24 -12.01 15.67
N ASP A 392 -9.55 -10.88 15.88
CA ASP A 392 -8.17 -10.74 15.39
C ASP A 392 -7.32 -11.77 16.12
N VAL A 393 -6.47 -12.40 15.35
CA VAL A 393 -5.41 -13.30 15.82
C VAL A 393 -4.02 -12.61 15.86
N GLY A 394 -3.29 -12.70 16.97
CA GLY A 394 -1.97 -12.06 17.07
C GLY A 394 -0.92 -12.67 16.19
N TYR A 395 0.12 -11.87 15.87
CA TYR A 395 1.40 -12.35 15.42
C TYR A 395 1.86 -13.58 16.19
N GLY A 396 2.24 -14.58 15.42
CA GLY A 396 2.67 -15.85 15.93
C GLY A 396 1.76 -16.74 16.76
N GLU A 397 0.47 -16.41 16.88
CA GLU A 397 -0.48 -17.18 17.74
C GLU A 397 -1.14 -18.42 17.13
N PHE A 398 -1.22 -19.42 17.99
CA PHE A 398 -2.09 -20.53 17.72
C PHE A 398 -3.48 -20.12 18.19
N PHE A 399 -4.46 -20.43 17.33
CA PHE A 399 -5.86 -20.09 17.60
C PHE A 399 -6.71 -21.37 17.47
N LYS A 400 -7.43 -21.75 18.52
CA LYS A 400 -8.48 -22.83 18.42
C LYS A 400 -9.92 -22.31 18.69
N VAL A 401 -10.03 -21.34 19.59
CA VAL A 401 -11.28 -20.76 20.09
C VAL A 401 -11.02 -19.38 20.74
#